data_5LB7
#
_entry.id   5LB7
#
_cell.length_a   104.090
_cell.length_b   145.120
_cell.length_c   37.560
_cell.angle_alpha   90.00
_cell.angle_beta   90.00
_cell.angle_gamma   90.00
#
_symmetry.space_group_name_H-M   'C 2 2 2'
#
loop_
_entity.id
_entity.type
_entity.pdbx_description
1 polymer 'Katanin p80 WD40 repeat-containing subunit B1'
2 polymer 'Katanin p60 ATPase-containing subunit A1'
3 polymer 'Abnormal spindle-like microcephaly-associated protein homolog'
4 water water
#
loop_
_entity_poly.entity_id
_entity_poly.type
_entity_poly.pdbx_seq_one_letter_code
_entity_poly.pdbx_strand_id
1 'polypeptide(L)'
;MGSSHHHHHHSSGLVPRGSHMASMTGGQQMGRGSQQAELVDEDAMSQIRKGHDTMFVVLTSRHKNLDTVRAVWTTGDIKT
SVDSAVAINDLSVVVDLLNIVNQKASLWKLDLCTTVLPQIEKLLQSKYESYVQTGCTSLKLILQRFLPLITDILAAPPSV
GVDISREERLHKCRLCFKQLKSISGLVKSKSGLSGRHGSAFRELHLLMASLD
;
A
2 'polypeptide(L)' MGMSLQMIVENVKLAREYALLGNYDSAMVYYQGVLDQMNKYLYSVKDTHLRQKWQQVWQEINVEAKQVKDIMKTLESFKL B
3 'polypeptide(L)' LSPDSFLND C
#
# COMPACT_ATOMS: atom_id res chain seq x y z
N LEU A 39 -14.83 7.52 -28.65
CA LEU A 39 -13.92 8.65 -28.76
C LEU A 39 -12.95 8.47 -29.94
N VAL A 40 -12.38 9.60 -30.39
CA VAL A 40 -11.44 9.59 -31.51
C VAL A 40 -10.08 9.08 -31.03
N ASP A 41 -9.30 8.55 -31.98
CA ASP A 41 -7.99 8.00 -31.63
C ASP A 41 -7.13 9.03 -30.92
N GLU A 42 -7.03 10.24 -31.47
CA GLU A 42 -6.19 11.27 -30.88
C GLU A 42 -6.60 11.55 -29.44
N ASP A 43 -7.90 11.59 -29.18
CA ASP A 43 -8.40 11.84 -27.83
C ASP A 43 -8.02 10.69 -26.89
N ALA A 44 -8.31 9.46 -27.30
CA ALA A 44 -8.00 8.30 -26.47
C ALA A 44 -6.52 8.26 -26.11
N MET A 45 -5.65 8.47 -27.11
CA MET A 45 -4.21 8.38 -26.86
C MET A 45 -3.74 9.50 -25.94
N SER A 46 -4.27 10.71 -26.12
N SER A 46 -4.26 10.71 -26.13
CA SER A 46 -3.91 11.82 -25.25
CA SER A 46 -3.91 11.80 -25.23
C SER A 46 -4.31 11.53 -23.81
C SER A 46 -4.29 11.49 -23.80
N GLN A 47 -5.51 10.98 -23.60
CA GLN A 47 -5.95 10.66 -22.25
C GLN A 47 -5.03 9.62 -21.61
N ILE A 48 -4.59 8.64 -22.39
CA ILE A 48 -3.72 7.59 -21.88
C ILE A 48 -2.33 8.14 -21.60
N ARG A 49 -1.76 8.85 -22.58
CA ARG A 49 -0.37 9.25 -22.43
C ARG A 49 -0.16 10.27 -21.33
N LYS A 50 -1.21 11.00 -20.96
CA LYS A 50 -1.07 12.11 -20.01
C LYS A 50 -0.49 11.63 -18.68
N GLY A 51 -0.82 10.41 -18.26
CA GLY A 51 -0.37 9.91 -16.98
C GLY A 51 0.89 9.08 -16.98
N HIS A 52 1.50 8.85 -18.15
CA HIS A 52 2.61 7.90 -18.23
C HIS A 52 3.85 8.38 -17.49
N ASP A 53 4.21 9.66 -17.66
CA ASP A 53 5.45 10.13 -17.05
C ASP A 53 5.37 10.02 -15.54
N THR A 54 4.25 10.43 -14.95
CA THR A 54 4.07 10.30 -13.51
C THR A 54 4.13 8.85 -13.07
N MET A 55 3.44 7.95 -13.79
CA MET A 55 3.49 6.53 -13.42
C MET A 55 4.92 6.04 -13.40
N PHE A 56 5.68 6.34 -14.46
CA PHE A 56 7.06 5.85 -14.55
C PHE A 56 7.88 6.35 -13.36
N VAL A 57 7.78 7.63 -13.03
CA VAL A 57 8.59 8.19 -11.95
C VAL A 57 8.14 7.65 -10.59
N VAL A 58 6.83 7.53 -10.38
CA VAL A 58 6.33 7.05 -9.09
C VAL A 58 6.77 5.61 -8.86
N LEU A 59 6.59 4.75 -9.88
CA LEU A 59 6.95 3.35 -9.72
C LEU A 59 8.46 3.17 -9.59
N THR A 60 9.25 3.96 -10.33
CA THR A 60 10.70 3.91 -10.18
C THR A 60 11.12 4.24 -8.75
N SER A 61 10.57 5.32 -8.19
CA SER A 61 10.93 5.72 -6.84
C SER A 61 10.43 4.69 -5.82
N ARG A 62 9.22 4.18 -5.99
CA ARG A 62 8.71 3.18 -5.06
C ARG A 62 9.60 1.95 -5.05
N HIS A 63 10.02 1.49 -6.23
CA HIS A 63 10.88 0.31 -6.29
C HIS A 63 12.23 0.57 -5.65
N LYS A 64 12.82 1.75 -5.92
CA LYS A 64 14.07 2.12 -5.26
C LYS A 64 13.92 2.05 -3.75
N ASN A 65 12.81 2.59 -3.23
CA ASN A 65 12.63 2.61 -1.77
C ASN A 65 12.38 1.21 -1.23
N LEU A 66 11.62 0.38 -1.96
CA LEU A 66 11.43 -1.01 -1.55
C LEU A 66 12.75 -1.76 -1.52
N ASP A 67 13.64 -1.48 -2.48
CA ASP A 67 14.94 -2.14 -2.49
C ASP A 67 15.73 -1.78 -1.24
N THR A 68 15.70 -0.50 -0.83
CA THR A 68 16.38 -0.11 0.40
C THR A 68 15.82 -0.87 1.59
N VAL A 69 14.49 -0.89 1.72
CA VAL A 69 13.85 -1.58 2.83
C VAL A 69 14.17 -3.07 2.79
N ARG A 70 14.14 -3.67 1.59
CA ARG A 70 14.43 -5.09 1.46
C ARG A 70 15.85 -5.42 1.90
N ALA A 71 16.80 -4.51 1.64
CA ALA A 71 18.18 -4.76 2.04
C ALA A 71 18.34 -4.81 3.55
N VAL A 72 17.54 -4.02 4.28
CA VAL A 72 17.53 -4.13 5.74
C VAL A 72 16.76 -5.36 6.18
N TRP A 73 15.66 -5.67 5.49
CA TRP A 73 14.82 -6.80 5.86
C TRP A 73 15.62 -8.09 5.88
N THR A 74 16.54 -8.25 4.93
CA THR A 74 17.26 -9.52 4.85
C THR A 74 18.19 -9.75 6.03
N THR A 75 18.48 -8.73 6.83
CA THR A 75 19.22 -8.94 8.06
C THR A 75 18.42 -9.69 9.10
N GLY A 76 17.10 -9.76 8.94
CA GLY A 76 16.23 -10.33 9.95
C GLY A 76 15.78 -9.34 11.02
N ASP A 77 16.31 -8.12 11.01
CA ASP A 77 15.91 -7.10 11.97
C ASP A 77 14.66 -6.42 11.42
N ILE A 78 13.50 -6.93 11.84
CA ILE A 78 12.24 -6.46 11.28
C ILE A 78 11.95 -5.02 11.69
N LYS A 79 12.19 -4.69 12.96
CA LYS A 79 11.89 -3.33 13.42
C LYS A 79 12.75 -2.31 12.69
N THR A 80 14.04 -2.60 12.51
CA THR A 80 14.89 -1.65 11.80
C THR A 80 14.47 -1.50 10.35
N SER A 81 13.98 -2.58 9.73
CA SER A 81 13.45 -2.49 8.38
C SER A 81 12.26 -1.54 8.33
N VAL A 82 11.34 -1.68 9.29
CA VAL A 82 10.18 -0.79 9.32
C VAL A 82 10.60 0.65 9.63
N ASP A 83 11.52 0.82 10.58
CA ASP A 83 12.05 2.15 10.87
C ASP A 83 12.64 2.79 9.62
N SER A 84 13.35 2.00 8.80
CA SER A 84 13.90 2.56 7.56
CA SER A 84 13.90 2.56 7.56
C SER A 84 12.80 3.01 6.63
N ALA A 85 11.72 2.23 6.52
CA ALA A 85 10.61 2.64 5.69
C ALA A 85 9.98 3.93 6.21
N VAL A 86 9.83 4.03 7.53
CA VAL A 86 9.27 5.26 8.11
C VAL A 86 10.17 6.45 7.85
N ALA A 87 11.49 6.27 7.96
CA ALA A 87 12.41 7.38 7.71
C ALA A 87 12.34 7.84 6.26
N ILE A 88 12.23 6.89 5.31
CA ILE A 88 12.14 7.24 3.90
C ILE A 88 10.89 8.08 3.63
N ASN A 89 9.81 7.81 4.37
CA ASN A 89 8.62 8.65 4.35
C ASN A 89 7.85 8.53 3.05
N ASP A 90 7.97 7.39 2.38
CA ASP A 90 7.15 7.02 1.23
C ASP A 90 6.03 6.16 1.82
N LEU A 91 4.84 6.75 2.00
CA LEU A 91 3.77 6.03 2.69
C LEU A 91 3.34 4.79 1.91
N SER A 92 3.39 4.83 0.57
CA SER A 92 3.06 3.64 -0.19
C SER A 92 3.98 2.48 0.13
N VAL A 93 5.22 2.77 0.51
CA VAL A 93 6.17 1.72 0.87
C VAL A 93 5.89 1.19 2.27
N VAL A 94 5.53 2.08 3.20
CA VAL A 94 5.06 1.64 4.51
C VAL A 94 3.86 0.69 4.36
N VAL A 95 2.92 1.06 3.48
CA VAL A 95 1.74 0.21 3.26
C VAL A 95 2.14 -1.15 2.69
N ASP A 96 2.99 -1.15 1.65
CA ASP A 96 3.42 -2.42 1.07
C ASP A 96 4.11 -3.27 2.12
N LEU A 97 4.96 -2.67 2.95
CA LEU A 97 5.68 -3.43 3.95
C LEU A 97 4.75 -3.99 5.02
N LEU A 98 3.79 -3.18 5.47
CA LEU A 98 2.83 -3.70 6.45
C LEU A 98 1.98 -4.82 5.85
N ASN A 99 1.61 -4.70 4.58
CA ASN A 99 0.85 -5.78 3.95
C ASN A 99 1.63 -7.09 3.98
N ILE A 100 2.96 -7.01 3.95
CA ILE A 100 3.80 -8.20 4.10
C ILE A 100 3.84 -8.67 5.54
N VAL A 101 4.23 -7.79 6.46
CA VAL A 101 4.42 -8.23 7.85
C VAL A 101 3.09 -8.62 8.50
N ASN A 102 1.98 -8.03 8.04
CA ASN A 102 0.69 -8.41 8.60
C ASN A 102 0.39 -9.89 8.40
N GLN A 103 1.12 -10.56 7.48
CA GLN A 103 0.85 -11.96 7.17
C GLN A 103 1.49 -12.94 8.15
N LYS A 104 2.40 -12.49 9.02
CA LYS A 104 3.10 -13.42 9.92
C LYS A 104 3.28 -12.76 11.29
N ALA A 105 2.32 -12.98 12.19
CA ALA A 105 2.38 -12.37 13.50
C ALA A 105 3.61 -12.81 14.28
N SER A 106 4.13 -14.00 14.01
CA SER A 106 5.29 -14.51 14.76
C SER A 106 6.55 -13.66 14.55
N LEU A 107 6.57 -12.80 13.53
CA LEU A 107 7.73 -11.93 13.31
C LEU A 107 7.69 -10.66 14.13
N TRP A 108 6.61 -10.41 14.87
CA TRP A 108 6.44 -9.15 15.58
C TRP A 108 6.95 -9.28 17.01
N LYS A 109 7.90 -8.43 17.37
CA LYS A 109 8.34 -8.26 18.74
C LYS A 109 7.64 -7.04 19.34
N LEU A 110 7.62 -7.00 20.68
CA LEU A 110 6.96 -5.88 21.36
C LEU A 110 7.52 -4.55 20.89
N ASP A 111 8.83 -4.47 20.70
CA ASP A 111 9.46 -3.23 20.26
C ASP A 111 8.87 -2.73 18.95
N LEU A 112 8.52 -3.65 18.05
CA LEU A 112 8.02 -3.24 16.73
C LEU A 112 6.72 -2.46 16.86
N CYS A 113 5.92 -2.76 17.89
CA CYS A 113 4.66 -2.05 18.08
C CYS A 113 4.86 -0.55 18.28
N THR A 114 5.95 -0.16 18.94
CA THR A 114 6.19 1.26 19.16
C THR A 114 6.47 2.00 17.85
N THR A 115 6.89 1.31 16.81
CA THR A 115 7.03 1.92 15.49
C THR A 115 5.74 1.85 14.70
N VAL A 116 5.04 0.72 14.76
CA VAL A 116 3.88 0.51 13.90
C VAL A 116 2.67 1.29 14.39
N LEU A 117 2.46 1.35 15.71
CA LEU A 117 1.27 2.04 16.20
C LEU A 117 1.14 3.47 15.67
N PRO A 118 2.18 4.30 15.65
CA PRO A 118 2.05 5.61 15.02
C PRO A 118 1.71 5.54 13.54
N GLN A 119 2.19 4.52 12.83
CA GLN A 119 1.85 4.40 11.42
C GLN A 119 0.39 4.00 11.25
N ILE A 120 -0.13 3.15 12.14
CA ILE A 120 -1.55 2.83 12.11
C ILE A 120 -2.38 4.11 12.25
N GLU A 121 -2.04 4.95 13.23
CA GLU A 121 -2.80 6.18 13.42
C GLU A 121 -2.82 7.02 12.15
N LYS A 122 -1.68 7.10 11.47
CA LYS A 122 -1.61 7.83 10.21
C LYS A 122 -2.48 7.18 9.14
N LEU A 123 -2.41 5.85 9.00
CA LEU A 123 -3.18 5.16 7.97
C LEU A 123 -4.68 5.27 8.21
N LEU A 124 -5.10 5.27 9.48
CA LEU A 124 -6.53 5.37 9.78
C LEU A 124 -7.12 6.71 9.35
N GLN A 125 -6.28 7.70 9.05
CA GLN A 125 -6.74 8.99 8.59
C GLN A 125 -6.60 9.17 7.08
N SER A 126 -6.30 8.09 6.36
CA SER A 126 -6.13 8.15 4.93
C SER A 126 -7.48 8.23 4.21
N LYS A 127 -7.48 8.88 3.06
CA LYS A 127 -8.67 8.87 2.23
C LYS A 127 -8.87 7.55 1.50
N TYR A 128 -7.83 6.73 1.41
CA TYR A 128 -7.88 5.47 0.68
C TYR A 128 -8.41 4.38 1.60
N GLU A 129 -9.47 3.70 1.15
CA GLU A 129 -10.04 2.63 1.94
C GLU A 129 -9.02 1.53 2.19
N SER A 130 -8.16 1.27 1.21
CA SER A 130 -7.18 0.19 1.36
C SER A 130 -6.09 0.55 2.37
N TYR A 131 -5.74 1.83 2.46
CA TYR A 131 -4.81 2.24 3.50
C TYR A 131 -5.42 2.07 4.89
N VAL A 132 -6.67 2.49 5.06
CA VAL A 132 -7.37 2.28 6.32
C VAL A 132 -7.40 0.80 6.66
N GLN A 133 -7.72 -0.04 5.68
CA GLN A 133 -7.80 -1.48 5.93
C GLN A 133 -6.47 -2.05 6.38
N THR A 134 -5.37 -1.64 5.74
CA THR A 134 -4.06 -2.10 6.17
C THR A 134 -3.79 -1.70 7.62
N GLY A 135 -4.12 -0.46 7.98
CA GLY A 135 -3.94 -0.04 9.36
C GLY A 135 -4.81 -0.84 10.32
N CYS A 136 -6.06 -1.11 9.94
CA CYS A 136 -6.93 -1.91 10.79
C CYS A 136 -6.36 -3.30 10.99
N THR A 137 -5.85 -3.91 9.91
CA THR A 137 -5.28 -5.25 10.01
C THR A 137 -4.09 -5.27 10.97
N SER A 138 -3.18 -4.30 10.83
CA SER A 138 -2.05 -4.23 11.76
C SER A 138 -2.52 -4.04 13.20
N LEU A 139 -3.53 -3.20 13.40
CA LEU A 139 -4.04 -2.94 14.75
C LEU A 139 -4.64 -4.20 15.37
N LYS A 140 -5.42 -4.96 14.59
CA LYS A 140 -6.01 -6.18 15.12
C LYS A 140 -4.93 -7.20 15.48
N LEU A 141 -3.89 -7.28 14.67
CA LEU A 141 -2.79 -8.20 14.97
C LEU A 141 -2.11 -7.82 16.28
N ILE A 142 -1.81 -6.53 16.45
CA ILE A 142 -1.16 -6.06 17.68
C ILE A 142 -2.04 -6.34 18.88
N LEU A 143 -3.33 -6.01 18.80
CA LEU A 143 -4.21 -6.22 19.94
C LEU A 143 -4.29 -7.70 20.32
N GLN A 144 -4.38 -8.59 19.32
CA GLN A 144 -4.49 -10.00 19.63
C GLN A 144 -3.19 -10.56 20.20
N ARG A 145 -2.05 -10.10 19.68
CA ARG A 145 -0.77 -10.68 20.09
C ARG A 145 -0.20 -10.07 21.36
N PHE A 146 -0.43 -8.78 21.61
CA PHE A 146 0.30 -8.06 22.65
C PHE A 146 -0.56 -7.48 23.77
N LEU A 147 -1.86 -7.32 23.58
CA LEU A 147 -2.67 -6.70 24.63
C LEU A 147 -2.62 -7.47 25.94
N PRO A 148 -2.74 -8.81 25.95
CA PRO A 148 -2.61 -9.53 27.22
C PRO A 148 -1.30 -9.26 27.92
N LEU A 149 -0.18 -9.33 27.19
CA LEU A 149 1.13 -9.06 27.77
C LEU A 149 1.21 -7.64 28.32
N ILE A 150 0.78 -6.67 27.51
CA ILE A 150 0.80 -5.27 27.96
C ILE A 150 0.00 -5.12 29.25
N THR A 151 -1.18 -5.74 29.29
CA THR A 151 -2.02 -5.64 30.49
C THR A 151 -1.33 -6.25 31.70
N ASP A 152 -0.69 -7.41 31.51
CA ASP A 152 0.01 -8.06 32.61
C ASP A 152 1.13 -7.18 33.14
N ILE A 153 1.94 -6.63 32.24
CA ILE A 153 3.09 -5.82 32.67
C ILE A 153 2.63 -4.58 33.42
N LEU A 154 1.59 -3.91 32.91
CA LEU A 154 1.13 -2.69 33.55
C LEU A 154 0.40 -2.94 34.86
N ALA A 155 -0.04 -4.18 35.10
CA ALA A 155 -0.71 -4.53 36.35
C ALA A 155 0.24 -5.01 37.43
N ALA A 156 1.54 -5.12 37.13
CA ALA A 156 2.48 -5.63 38.10
C ALA A 156 2.78 -4.58 39.17
N PRO A 157 3.08 -5.00 40.39
CA PRO A 157 3.41 -4.06 41.46
C PRO A 157 4.75 -3.40 41.19
N PRO A 158 5.08 -2.31 41.91
CA PRO A 158 6.35 -1.59 41.73
C PRO A 158 7.57 -2.46 42.00
N SER A 165 16.77 -4.35 32.76
CA SER A 165 16.35 -5.74 32.62
C SER A 165 14.83 -5.83 32.43
N ARG A 166 14.10 -5.76 33.54
CA ARG A 166 12.65 -5.80 33.47
C ARG A 166 12.05 -4.43 33.20
N GLU A 167 12.75 -3.36 33.58
CA GLU A 167 12.25 -2.00 33.36
C GLU A 167 12.23 -1.62 31.89
N GLU A 168 12.75 -2.47 31.00
CA GLU A 168 12.70 -2.21 29.57
C GLU A 168 11.45 -2.79 28.91
N ARG A 169 11.03 -3.99 29.33
CA ARG A 169 9.74 -4.50 28.87
C ARG A 169 8.59 -3.67 29.45
N LEU A 170 8.73 -3.18 30.68
CA LEU A 170 7.72 -2.29 31.24
C LEU A 170 7.66 -0.97 30.48
N HIS A 171 8.83 -0.40 30.15
CA HIS A 171 8.87 0.85 29.41
C HIS A 171 8.19 0.71 28.05
N LYS A 172 8.47 -0.39 27.34
CA LYS A 172 7.84 -0.58 26.04
C LYS A 172 6.33 -0.75 26.18
N CYS A 173 5.87 -1.45 27.22
CA CYS A 173 4.44 -1.63 27.41
C CYS A 173 3.75 -0.31 27.71
N ARG A 174 4.39 0.54 28.52
CA ARG A 174 3.81 1.85 28.82
C ARG A 174 3.65 2.69 27.56
N LEU A 175 4.65 2.67 26.69
CA LEU A 175 4.56 3.41 25.43
C LEU A 175 3.46 2.85 24.54
N CYS A 176 3.43 1.53 24.36
CA CYS A 176 2.37 0.94 23.53
C CYS A 176 0.99 1.34 24.04
N PHE A 177 0.82 1.40 25.36
CA PHE A 177 -0.50 1.75 25.90
C PHE A 177 -0.90 3.17 25.56
N LYS A 178 0.04 4.12 25.68
CA LYS A 178 -0.28 5.50 25.33
C LYS A 178 -0.58 5.61 23.84
N GLN A 179 0.17 4.90 23.00
CA GLN A 179 -0.10 4.92 21.56
C GLN A 179 -1.45 4.30 21.24
N LEU A 180 -1.80 3.21 21.94
CA LEU A 180 -3.11 2.59 21.73
C LEU A 180 -4.22 3.53 22.21
N LYS A 181 -3.99 4.25 23.30
CA LYS A 181 -4.97 5.21 23.78
C LYS A 181 -5.16 6.34 22.78
N SER A 182 -4.09 6.75 22.10
CA SER A 182 -4.20 7.77 21.07
C SER A 182 -5.07 7.29 19.91
N ILE A 183 -4.85 6.05 19.46
CA ILE A 183 -5.68 5.51 18.39
C ILE A 183 -7.12 5.36 18.86
N SER A 184 -7.30 4.95 20.12
CA SER A 184 -8.65 4.84 20.66
C SER A 184 -9.38 6.17 20.59
N GLY A 185 -8.70 7.26 20.93
CA GLY A 185 -9.32 8.57 20.83
C GLY A 185 -9.67 8.93 19.40
N LEU A 186 -8.80 8.58 18.45
CA LEU A 186 -9.09 8.85 17.04
C LEU A 186 -10.31 8.08 16.57
N VAL A 187 -10.37 6.79 16.87
CA VAL A 187 -11.51 5.98 16.46
C VAL A 187 -12.81 6.50 17.09
N LYS A 188 -12.74 6.90 18.35
CA LYS A 188 -13.93 7.44 18.99
C LYS A 188 -14.34 8.79 18.37
N SER A 189 -13.38 9.57 17.89
CA SER A 189 -13.73 10.82 17.21
C SER A 189 -14.38 10.57 15.85
N LYS A 190 -14.23 9.37 15.30
CA LYS A 190 -14.65 9.07 13.94
C LYS A 190 -15.81 8.09 13.86
N SER A 191 -16.24 7.51 14.99
CA SER A 191 -17.31 6.52 14.97
C SER A 191 -18.64 7.03 15.50
N GLY A 192 -18.65 8.15 16.24
CA GLY A 192 -19.91 8.71 16.69
C GLY A 192 -20.84 9.06 15.54
N LEU A 193 -20.28 9.39 14.38
CA LEU A 193 -21.04 9.65 13.17
C LEU A 193 -20.41 8.82 12.05
N SER A 194 -21.24 8.13 11.28
CA SER A 194 -20.73 7.30 10.20
C SER A 194 -20.05 8.17 9.16
N GLY A 195 -18.76 7.92 8.92
CA GLY A 195 -17.97 8.71 8.01
C GLY A 195 -17.64 7.97 6.73
N ARG A 196 -16.62 8.48 6.04
CA ARG A 196 -16.19 7.89 4.77
C ARG A 196 -15.92 6.40 4.92
N HIS A 197 -15.22 6.01 5.98
CA HIS A 197 -14.96 4.60 6.24
C HIS A 197 -15.73 4.15 7.47
N GLY A 198 -17.04 4.43 7.51
CA GLY A 198 -17.82 4.16 8.70
C GLY A 198 -17.73 2.71 9.15
N SER A 199 -17.82 1.78 8.22
CA SER A 199 -17.82 0.36 8.58
C SER A 199 -16.55 -0.02 9.33
N ALA A 200 -15.40 0.40 8.80
CA ALA A 200 -14.13 0.05 9.43
C ALA A 200 -14.02 0.65 10.84
N PHE A 201 -14.48 1.89 11.00
CA PHE A 201 -14.37 2.56 12.29
C PHE A 201 -15.38 2.06 13.30
N ARG A 202 -16.57 1.64 12.85
CA ARG A 202 -17.51 0.99 13.76
C ARG A 202 -16.89 -0.27 14.35
N GLU A 203 -16.26 -1.08 13.49
CA GLU A 203 -15.63 -2.32 13.96
C GLU A 203 -14.47 -2.02 14.91
N LEU A 204 -13.63 -1.04 14.57
CA LEU A 204 -12.52 -0.69 15.45
C LEU A 204 -13.02 -0.17 16.79
N HIS A 205 -14.09 0.62 16.78
CA HIS A 205 -14.64 1.15 18.04
C HIS A 205 -15.05 0.02 18.97
N LEU A 206 -15.79 -0.94 18.43
CA LEU A 206 -16.22 -2.09 19.24
CA LEU A 206 -16.22 -2.09 19.23
C LEU A 206 -15.02 -2.89 19.72
N LEU A 207 -14.04 -3.12 18.85
CA LEU A 207 -12.88 -3.91 19.21
C LEU A 207 -12.10 -3.27 20.35
N MET A 208 -11.96 -1.95 20.32
CA MET A 208 -11.16 -1.24 21.31
C MET A 208 -11.95 -0.80 22.53
N ALA A 209 -13.20 -1.24 22.65
CA ALA A 209 -14.03 -0.88 23.79
C ALA A 209 -13.57 -1.65 25.03
N SER A 210 -12.32 -1.47 25.42
CA SER A 210 -11.75 -2.14 26.59
C SER A 210 -10.60 -1.33 27.16
N MET B 3 -12.37 -2.86 -31.40
CA MET B 3 -12.23 -2.60 -29.98
C MET B 3 -12.79 -1.23 -29.63
N SER B 4 -13.29 -1.08 -28.40
CA SER B 4 -13.78 0.20 -27.92
C SER B 4 -12.61 0.97 -27.32
N LEU B 5 -12.30 2.14 -27.91
CA LEU B 5 -11.23 2.95 -27.35
C LEU B 5 -11.58 3.42 -25.95
N GLN B 6 -12.85 3.75 -25.70
CA GLN B 6 -13.25 4.12 -24.35
C GLN B 6 -12.89 3.03 -23.35
N MET B 7 -13.07 1.78 -23.74
CA MET B 7 -12.74 0.66 -22.86
C MET B 7 -11.24 0.58 -22.61
N ILE B 8 -10.44 0.83 -23.64
CA ILE B 8 -8.98 0.83 -23.47
C ILE B 8 -8.55 1.91 -22.49
N VAL B 9 -9.06 3.13 -22.67
CA VAL B 9 -8.74 4.22 -21.74
C VAL B 9 -9.11 3.83 -20.31
N GLU B 10 -10.31 3.27 -20.13
CA GLU B 10 -10.77 2.91 -18.79
C GLU B 10 -9.87 1.86 -18.17
N ASN B 11 -9.42 0.88 -18.97
CA ASN B 11 -8.62 -0.20 -18.41
C ASN B 11 -7.20 0.25 -18.08
N VAL B 12 -6.65 1.20 -18.84
CA VAL B 12 -5.39 1.83 -18.42
C VAL B 12 -5.56 2.53 -17.07
N LYS B 13 -6.64 3.30 -16.94
CA LYS B 13 -6.87 4.02 -15.69
C LYS B 13 -6.95 3.05 -14.50
N LEU B 14 -7.65 1.93 -14.68
CA LEU B 14 -7.79 0.96 -13.60
C LEU B 14 -6.47 0.27 -13.29
N ALA B 15 -5.73 -0.14 -14.33
CA ALA B 15 -4.41 -0.72 -14.09
C ALA B 15 -3.55 0.23 -13.27
N ARG B 16 -3.50 1.50 -13.66
CA ARG B 16 -2.68 2.47 -12.93
C ARG B 16 -3.16 2.68 -11.51
N GLU B 17 -4.49 2.79 -11.31
CA GLU B 17 -5.02 3.00 -9.97
C GLU B 17 -4.67 1.85 -9.04
N TYR B 18 -4.87 0.61 -9.51
CA TYR B 18 -4.50 -0.54 -8.69
C TYR B 18 -3.01 -0.53 -8.37
N ALA B 19 -2.19 -0.18 -9.35
CA ALA B 19 -0.74 -0.15 -9.12
C ALA B 19 -0.39 0.91 -8.10
N LEU B 20 -0.96 2.10 -8.24
CA LEU B 20 -0.67 3.18 -7.30
C LEU B 20 -1.05 2.78 -5.88
N LEU B 21 -2.15 2.05 -5.73
CA LEU B 21 -2.65 1.63 -4.42
C LEU B 21 -2.06 0.32 -3.95
N GLY B 22 -1.04 -0.21 -4.63
CA GLY B 22 -0.37 -1.40 -4.17
C GLY B 22 -1.13 -2.68 -4.36
N ASN B 23 -2.19 -2.68 -5.18
CA ASN B 23 -2.87 -3.92 -5.57
C ASN B 23 -2.25 -4.39 -6.87
N TYR B 24 -1.05 -4.97 -6.75
CA TYR B 24 -0.27 -5.28 -7.94
C TYR B 24 -0.86 -6.45 -8.71
N ASP B 25 -1.47 -7.41 -8.00
CA ASP B 25 -2.11 -8.54 -8.70
C ASP B 25 -3.17 -8.04 -9.68
N SER B 26 -4.09 -7.19 -9.21
CA SER B 26 -5.12 -6.67 -10.09
C SER B 26 -4.54 -5.73 -11.14
N ALA B 27 -3.54 -4.93 -10.77
CA ALA B 27 -2.90 -4.06 -11.74
C ALA B 27 -2.38 -4.87 -12.93
N MET B 28 -1.73 -6.01 -12.65
CA MET B 28 -1.18 -6.84 -13.72
C MET B 28 -2.28 -7.40 -14.62
N VAL B 29 -3.41 -7.78 -14.03
CA VAL B 29 -4.52 -8.27 -14.84
C VAL B 29 -4.96 -7.19 -15.83
N TYR B 30 -5.10 -5.96 -15.35
CA TYR B 30 -5.55 -4.89 -16.22
C TYR B 30 -4.47 -4.48 -17.22
N TYR B 31 -3.20 -4.45 -16.80
CA TYR B 31 -2.13 -4.11 -17.73
C TYR B 31 -2.04 -5.15 -18.85
N GLN B 32 -2.01 -6.44 -18.50
CA GLN B 32 -1.94 -7.45 -19.54
C GLN B 32 -3.21 -7.46 -20.37
N GLY B 33 -4.36 -7.23 -19.73
CA GLY B 33 -5.61 -7.18 -20.45
C GLY B 33 -5.68 -6.04 -21.45
N VAL B 34 -5.21 -4.86 -21.04
CA VAL B 34 -5.30 -3.72 -21.95
C VAL B 34 -4.25 -3.79 -23.04
N LEU B 35 -3.10 -4.40 -22.77
CA LEU B 35 -2.13 -4.63 -23.84
C LEU B 35 -2.68 -5.58 -24.89
N ASP B 36 -3.41 -6.61 -24.45
CA ASP B 36 -4.11 -7.48 -25.40
C ASP B 36 -5.13 -6.70 -26.22
N GLN B 37 -5.88 -5.80 -25.58
CA GLN B 37 -6.85 -4.99 -26.32
C GLN B 37 -6.17 -4.06 -27.30
N MET B 38 -5.05 -3.45 -26.91
CA MET B 38 -4.32 -2.57 -27.81
C MET B 38 -3.70 -3.37 -28.96
N ASN B 39 -3.25 -4.59 -28.67
CA ASN B 39 -2.72 -5.46 -29.71
C ASN B 39 -3.79 -5.76 -30.76
N LYS B 40 -5.00 -6.09 -30.31
CA LYS B 40 -6.09 -6.36 -31.23
C LYS B 40 -6.46 -5.11 -32.02
N TYR B 41 -6.43 -3.94 -31.37
CA TYR B 41 -6.76 -2.70 -32.07
C TYR B 41 -5.71 -2.37 -33.12
N LEU B 42 -4.43 -2.47 -32.75
CA LEU B 42 -3.35 -2.22 -33.70
C LEU B 42 -3.47 -3.09 -34.93
N TYR B 43 -3.89 -4.35 -34.76
CA TYR B 43 -4.05 -5.25 -35.89
C TYR B 43 -5.03 -4.69 -36.91
N SER B 44 -6.02 -3.92 -36.46
CA SER B 44 -7.01 -3.33 -37.35
C SER B 44 -6.57 -2.02 -37.97
N VAL B 45 -5.49 -1.41 -37.48
CA VAL B 45 -5.09 -0.07 -37.91
C VAL B 45 -4.33 -0.16 -39.23
N LYS B 46 -4.82 0.55 -40.24
CA LYS B 46 -4.12 0.71 -41.51
C LYS B 46 -3.47 2.07 -41.66
N ASP B 47 -4.00 3.10 -41.03
CA ASP B 47 -3.41 4.42 -41.11
C ASP B 47 -2.01 4.39 -40.51
N THR B 48 -1.01 4.77 -41.31
CA THR B 48 0.37 4.62 -40.87
C THR B 48 0.70 5.57 -39.73
N HIS B 49 0.09 6.76 -39.70
CA HIS B 49 0.34 7.68 -38.60
CA HIS B 49 0.32 7.69 -38.60
C HIS B 49 -0.27 7.16 -37.31
N LEU B 50 -1.52 6.69 -37.37
CA LEU B 50 -2.13 6.09 -36.18
C LEU B 50 -1.39 4.83 -35.73
N ARG B 51 -0.87 4.04 -36.68
CA ARG B 51 -0.12 2.85 -36.29
C ARG B 51 1.11 3.23 -35.47
N GLN B 52 1.87 4.23 -35.94
CA GLN B 52 3.05 4.66 -35.20
C GLN B 52 2.67 5.16 -33.81
N LYS B 53 1.60 5.94 -33.71
CA LYS B 53 1.23 6.53 -32.43
C LYS B 53 0.72 5.50 -31.44
N TRP B 54 -0.11 4.56 -31.90
CA TRP B 54 -0.61 3.52 -31.00
C TRP B 54 0.47 2.55 -30.57
N GLN B 55 1.42 2.25 -31.48
CA GLN B 55 2.56 1.43 -31.08
C GLN B 55 3.35 2.11 -29.97
N GLN B 56 3.46 3.44 -30.02
CA GLN B 56 4.16 4.17 -28.96
C GLN B 56 3.41 4.08 -27.64
N VAL B 57 2.07 4.18 -27.67
CA VAL B 57 1.28 3.94 -26.45
C VAL B 57 1.52 2.52 -25.93
N TRP B 58 1.54 1.55 -26.84
CA TRP B 58 1.78 0.17 -26.45
C TRP B 58 3.15 0.01 -25.78
N GLN B 59 4.16 0.73 -26.28
CA GLN B 59 5.47 0.70 -25.63
C GLN B 59 5.40 1.29 -24.23
N GLU B 60 4.69 2.39 -24.06
CA GLU B 60 4.65 3.06 -22.75
C GLU B 60 3.91 2.21 -21.73
N ILE B 61 2.80 1.58 -22.14
CA ILE B 61 2.09 0.71 -21.23
C ILE B 61 2.93 -0.50 -20.86
N ASN B 62 3.70 -1.02 -21.83
CA ASN B 62 4.63 -2.10 -21.52
C ASN B 62 5.64 -1.69 -20.46
N VAL B 63 6.15 -0.45 -20.53
CA VAL B 63 7.09 0.03 -19.52
C VAL B 63 6.47 -0.06 -18.14
N GLU B 64 5.24 0.45 -18.00
CA GLU B 64 4.57 0.44 -16.70
C GLU B 64 4.32 -0.99 -16.22
N ALA B 65 3.86 -1.85 -17.13
CA ALA B 65 3.57 -3.24 -16.75
C ALA B 65 4.84 -3.95 -16.28
N LYS B 66 5.97 -3.72 -16.95
CA LYS B 66 7.22 -4.33 -16.52
C LYS B 66 7.65 -3.79 -15.15
N GLN B 67 7.43 -2.50 -14.92
CA GLN B 67 7.77 -1.94 -13.61
C GLN B 67 6.96 -2.61 -12.50
N VAL B 68 5.67 -2.84 -12.75
CA VAL B 68 4.85 -3.52 -11.73
C VAL B 68 5.33 -4.94 -11.53
N LYS B 69 5.63 -5.65 -12.62
CA LYS B 69 6.12 -7.03 -12.50
C LYS B 69 7.39 -7.07 -11.66
N ASP B 70 8.29 -6.11 -11.85
CA ASP B 70 9.54 -6.13 -11.12
C ASP B 70 9.34 -5.77 -9.65
N ILE B 71 8.43 -4.83 -9.37
CA ILE B 71 8.05 -4.57 -7.98
C ILE B 71 7.52 -5.85 -7.33
N MET B 72 6.65 -6.57 -8.03
CA MET B 72 6.09 -7.80 -7.46
C MET B 72 7.18 -8.82 -7.16
N LYS B 73 8.16 -8.93 -8.06
CA LYS B 73 9.27 -9.84 -7.81
C LYS B 73 10.01 -9.46 -6.54
N THR B 74 10.28 -8.17 -6.34
CA THR B 74 10.94 -7.73 -5.12
C THR B 74 10.09 -8.00 -3.89
N LEU B 75 8.79 -7.72 -3.95
CA LEU B 75 7.93 -7.98 -2.80
C LEU B 75 7.91 -9.46 -2.46
N GLU B 76 7.87 -10.32 -3.48
CA GLU B 76 7.91 -11.76 -3.23
C GLU B 76 9.23 -12.19 -2.58
N SER B 77 10.30 -11.40 -2.77
CA SER B 77 11.59 -11.73 -2.18
C SER B 77 11.64 -11.49 -0.67
N PHE B 78 10.65 -10.79 -0.10
CA PHE B 78 10.59 -10.64 1.36
C PHE B 78 10.19 -11.98 1.96
N LYS B 79 11.14 -12.66 2.59
CA LYS B 79 10.85 -13.95 3.19
C LYS B 79 10.33 -13.76 4.61
N LEU B 80 9.31 -14.54 4.96
CA LEU B 80 8.74 -14.50 6.31
C LEU B 80 9.30 -15.65 7.15
N SER C 5 -0.72 12.17 -7.26
CA SER C 5 -1.18 12.02 -5.88
C SER C 5 -0.23 11.13 -5.08
N PHE C 6 0.56 10.33 -5.80
CA PHE C 6 1.47 9.38 -5.18
C PHE C 6 2.93 9.78 -5.29
N LEU C 7 3.20 10.98 -5.78
CA LEU C 7 4.55 11.52 -5.73
C LEU C 7 4.97 11.63 -4.28
#